data_7NQG
#
_entry.id   7NQG
#
_cell.length_a   38.670
_cell.length_b   50.500
_cell.length_c   142.560
_cell.angle_alpha   90.000
_cell.angle_beta   90.000
_cell.angle_gamma   90.000
#
_symmetry.space_group_name_H-M   'P 21 21 21'
#
loop_
_entity.id
_entity.type
_entity.pdbx_description
1 polymer 'TrapT family, dctP subunit, C4-dicarboxylate periplasmic binding protein'
2 non-polymer 4-HYDROXYPHENYLACETATE
3 non-polymer 1,2-ETHANEDIOL
4 non-polymer 'PHOSPHATE ION'
5 water water
#
_entity_poly.entity_id   1
_entity_poly.type   'polypeptide(L)'
_entity_poly.pdbx_seq_one_letter_code
;MAMD(PCA)DKTVNWKVSLWVPPAHPLVPATKAWAEDIQKASGGSIRMTVFPSEQLGKAFDHYDMARDGIADVTYVNPGY
QPGRFPIVSAGQLPFVFKDGKKGTLALNEWYHKYAPTEMKDTKLCFAFIHDPGALHGKKKVLLPSDLSGLKVRPAQSTIG
EMVKLFGGTNVQASAPESRDALERGVADEITFPWGSVFLFGIDKVVKYHMDVPLYTTVFTYNIGLKAYNALSDAQKKIID
DHCTPEWASKVTDPWTDFEANGRVKMKALQDHEVYPLTDAQLAEWKKATKPLRDSWAEQVKKSGGDPAAVESDLQNALKK
YDAGLHHHHHH
;
_entity_poly.pdbx_strand_id   AAA
#
loop_
_chem_comp.id
_chem_comp.type
_chem_comp.name
_chem_comp.formula
4HP non-polymer 4-HYDROXYPHENYLACETATE 'C8 H8 O3'
EDO non-polymer 1,2-ETHANEDIOL 'C2 H6 O2'
PO4 non-polymer 'PHOSPHATE ION' 'O4 P -3'
#
# COMPACT_ATOMS: atom_id res chain seq x y z
N PCA A 5 -11.22 34.87 -12.50
CA PCA A 5 -10.67 33.55 -12.41
CB PCA A 5 -10.66 33.08 -13.87
CG PCA A 5 -10.94 34.31 -14.69
CD PCA A 5 -11.31 35.37 -13.71
OE PCA A 5 -11.61 36.55 -13.94
C PCA A 5 -9.27 33.54 -11.81
O PCA A 5 -8.47 34.45 -12.04
N ASP A 6 -8.98 32.48 -11.06
CA ASP A 6 -7.64 32.26 -10.54
C ASP A 6 -6.65 31.97 -11.68
N LYS A 7 -5.38 32.09 -11.39
CA LYS A 7 -4.30 31.63 -12.29
C LYS A 7 -4.51 30.14 -12.58
N THR A 8 -4.43 29.77 -13.84
CA THR A 8 -4.64 28.38 -14.23
C THR A 8 -3.49 27.52 -13.73
N VAL A 9 -3.83 26.32 -13.29
CA VAL A 9 -2.92 25.32 -12.71
C VAL A 9 -3.01 24.08 -13.61
N ASN A 10 -1.85 23.54 -13.96
CA ASN A 10 -1.73 22.31 -14.76
C ASN A 10 -0.83 21.36 -13.97
N TRP A 11 -1.39 20.32 -13.39
CA TRP A 11 -0.65 19.36 -12.57
C TRP A 11 -0.46 18.02 -13.28
N LYS A 12 0.61 17.38 -12.91
CA LYS A 12 0.92 16.00 -13.32
C LYS A 12 0.78 15.10 -12.09
N VAL A 13 0.01 14.03 -12.24
CA VAL A 13 -0.18 13.01 -11.18
C VAL A 13 0.51 11.73 -11.66
N SER A 14 1.43 11.20 -10.88
CA SER A 14 2.19 10.02 -11.30
C SER A 14 1.77 8.79 -10.51
N LEU A 15 1.45 7.73 -11.24
CA LEU A 15 1.23 6.39 -10.68
C LEU A 15 2.14 5.39 -11.36
N TRP A 16 2.42 4.33 -10.62
CA TRP A 16 3.29 3.22 -11.05
C TRP A 16 2.52 1.93 -11.27
N VAL A 17 1.22 2.03 -11.42
CA VAL A 17 0.30 0.94 -11.78
C VAL A 17 -0.21 1.21 -13.19
N PRO A 18 -0.66 0.16 -13.90
CA PRO A 18 -1.12 0.32 -15.27
C PRO A 18 -2.50 0.93 -15.33
N PRO A 19 -2.90 1.40 -16.53
CA PRO A 19 -4.21 2.03 -16.72
C PRO A 19 -5.42 1.25 -16.20
N ALA A 20 -5.38 -0.09 -16.30
CA ALA A 20 -6.49 -0.94 -15.87
C ALA A 20 -6.57 -1.02 -14.33
N HIS A 21 -5.58 -0.55 -13.61
CA HIS A 21 -5.65 -0.59 -12.14
C HIS A 21 -6.76 0.32 -11.65
N PRO A 22 -7.60 -0.11 -10.70
CA PRO A 22 -8.69 0.74 -10.23
C PRO A 22 -8.27 2.12 -9.74
N LEU A 23 -7.07 2.30 -9.22
CA LEU A 23 -6.68 3.65 -8.76
C LEU A 23 -6.68 4.63 -9.92
N VAL A 24 -6.44 4.19 -11.15
CA VAL A 24 -6.26 5.14 -12.27
C VAL A 24 -7.58 5.86 -12.59
N PRO A 25 -8.67 5.17 -12.95
CA PRO A 25 -9.92 5.91 -13.19
C PRO A 25 -10.41 6.65 -11.95
N ALA A 26 -10.18 6.10 -10.76
CA ALA A 26 -10.65 6.76 -9.54
C ALA A 26 -9.89 8.08 -9.35
N THR A 27 -8.62 8.09 -9.67
CA THR A 27 -7.81 9.31 -9.52
C THR A 27 -8.17 10.32 -10.60
N LYS A 28 -8.48 9.86 -11.81
CA LYS A 28 -9.01 10.76 -12.84
C LYS A 28 -10.31 11.38 -12.36
N ALA A 29 -11.19 10.64 -11.72
CA ALA A 29 -12.47 11.19 -11.25
C ALA A 29 -12.23 12.20 -10.12
N TRP A 30 -11.24 11.96 -9.25
CA TRP A 30 -10.83 12.92 -8.22
C TRP A 30 -10.39 14.22 -8.88
N ALA A 31 -9.50 14.12 -9.87
CA ALA A 31 -9.03 15.32 -10.61
C ALA A 31 -10.21 16.02 -11.29
N GLU A 32 -11.12 15.26 -11.88
CA GLU A 32 -12.28 15.87 -12.57
C GLU A 32 -13.13 16.65 -11.58
N ASP A 33 -13.31 16.13 -10.37
CA ASP A 33 -14.12 16.85 -9.39
C ASP A 33 -13.41 18.11 -8.91
N ILE A 34 -12.08 18.08 -8.84
CA ILE A 34 -11.28 19.29 -8.53
C ILE A 34 -11.43 20.31 -9.65
N GLN A 35 -11.41 19.87 -10.90
CA GLN A 35 -11.60 20.81 -12.02
C GLN A 35 -13.00 21.42 -11.93
N LYS A 36 -14.02 20.62 -11.64
CA LYS A 36 -15.40 21.12 -11.51
C LYS A 36 -15.46 22.15 -10.38
N ALA A 37 -14.92 21.81 -9.22
CA ALA A 37 -14.97 22.70 -8.04
C ALA A 37 -14.32 24.04 -8.37
N SER A 38 -13.23 24.01 -9.09
CA SER A 38 -12.38 25.20 -9.39
C SER A 38 -12.86 25.93 -10.65
N GLY A 39 -14.00 25.53 -11.21
CA GLY A 39 -14.49 26.19 -12.42
C GLY A 39 -13.49 26.14 -13.54
N GLY A 40 -12.66 25.10 -13.58
CA GLY A 40 -11.69 24.93 -14.65
C GLY A 40 -10.29 25.40 -14.31
N SER A 41 -10.07 26.08 -13.18
CA SER A 41 -8.74 26.69 -12.92
C SER A 41 -7.70 25.65 -12.53
N ILE A 42 -8.07 24.49 -12.02
CA ILE A 42 -7.12 23.42 -11.68
C ILE A 42 -7.38 22.25 -12.60
N ARG A 43 -6.38 21.91 -13.39
CA ARG A 43 -6.46 20.77 -14.32
C ARG A 43 -5.33 19.82 -14.02
N MET A 44 -5.54 18.54 -14.26
CA MET A 44 -4.49 17.53 -14.04
C MET A 44 -4.55 16.47 -15.14
N THR A 45 -3.39 15.91 -15.36
CA THR A 45 -3.22 14.72 -16.20
C THR A 45 -2.63 13.63 -15.33
N VAL A 46 -3.17 12.43 -15.45
CA VAL A 46 -2.75 11.25 -14.68
C VAL A 46 -1.87 10.39 -15.60
N PHE A 47 -0.66 10.12 -15.13
CA PHE A 47 0.38 9.36 -15.86
C PHE A 47 0.56 8.02 -15.19
N PRO A 48 -0.06 6.93 -15.69
CA PRO A 48 0.21 5.59 -15.19
CA PRO A 48 0.21 5.61 -15.17
C PRO A 48 1.55 5.04 -15.65
N SER A 49 1.82 3.82 -15.24
CA SER A 49 2.86 2.97 -15.86
C SER A 49 4.27 3.53 -15.72
N GLU A 50 4.53 4.32 -14.69
CA GLU A 50 5.90 4.80 -14.40
C GLU A 50 6.43 5.67 -15.53
N GLN A 51 5.55 6.32 -16.29
CA GLN A 51 6.04 7.22 -17.36
CA GLN A 51 6.06 7.21 -17.36
C GLN A 51 6.94 8.31 -16.76
N LEU A 52 6.60 8.82 -15.60
CA LEU A 52 7.35 9.96 -15.01
C LEU A 52 8.51 9.57 -14.10
N GLY A 53 8.63 8.28 -13.72
CA GLY A 53 9.69 7.81 -12.84
C GLY A 53 9.33 6.47 -12.25
N LYS A 54 10.30 5.84 -11.63
CA LYS A 54 10.09 4.49 -11.08
C LYS A 54 9.24 4.52 -9.82
N ALA A 55 8.53 3.43 -9.60
CA ALA A 55 7.72 3.23 -8.40
C ALA A 55 8.46 3.64 -7.12
N PHE A 56 9.66 3.12 -6.92
CA PHE A 56 10.37 3.32 -5.64
C PHE A 56 10.67 4.80 -5.42
N ASP A 57 10.73 5.61 -6.48
CA ASP A 57 11.12 7.03 -6.37
C ASP A 57 9.92 7.96 -6.27
N HIS A 58 8.70 7.44 -6.09
CA HIS A 58 7.52 8.33 -6.15
C HIS A 58 7.46 9.30 -4.98
N TYR A 59 7.94 8.97 -3.78
CA TYR A 59 7.94 10.00 -2.71
C TYR A 59 8.83 11.19 -3.15
N ASP A 60 10.04 10.88 -3.60
CA ASP A 60 10.98 11.93 -3.99
C ASP A 60 10.46 12.70 -5.20
N MET A 61 9.69 12.06 -6.06
CA MET A 61 9.13 12.78 -7.22
C MET A 61 8.18 13.88 -6.75
N ALA A 62 7.40 13.65 -5.71
CA ALA A 62 6.56 14.70 -5.10
C ALA A 62 7.43 15.70 -4.33
N ARG A 63 8.41 15.22 -3.58
CA ARG A 63 9.26 16.11 -2.78
C ARG A 63 9.95 17.11 -3.71
N ASP A 64 10.43 16.65 -4.84
CA ASP A 64 11.42 17.38 -5.66
C ASP A 64 10.80 17.97 -6.91
N GLY A 65 9.50 17.88 -7.14
CA GLY A 65 8.84 18.59 -8.26
C GLY A 65 8.84 17.85 -9.58
N ILE A 66 9.09 16.57 -9.60
CA ILE A 66 9.00 15.82 -10.87
C ILE A 66 7.52 15.64 -11.23
N ALA A 67 6.69 15.38 -10.23
CA ALA A 67 5.24 15.32 -10.42
C ALA A 67 4.61 16.12 -9.28
N ASP A 68 3.43 16.67 -9.51
CA ASP A 68 2.75 17.48 -8.48
C ASP A 68 2.05 16.63 -7.42
N VAL A 69 1.60 15.44 -7.83
CA VAL A 69 0.90 14.49 -6.95
C VAL A 69 1.49 13.12 -7.26
N THR A 70 1.81 12.34 -6.25
CA THR A 70 2.28 10.98 -6.47
C THR A 70 1.58 9.99 -5.54
N TYR A 71 1.47 8.77 -6.06
CA TYR A 71 1.08 7.54 -5.34
C TYR A 71 2.35 6.90 -4.79
N VAL A 72 2.41 6.70 -3.49
CA VAL A 72 3.63 6.26 -2.78
C VAL A 72 3.32 5.00 -1.97
N ASN A 73 4.24 4.04 -2.06
CA ASN A 73 4.34 2.93 -1.08
C ASN A 73 5.55 3.24 -0.20
N PRO A 74 5.35 3.81 1.00
CA PRO A 74 6.48 4.12 1.88
C PRO A 74 7.38 2.92 2.12
N GLY A 75 6.74 1.74 2.18
CA GLY A 75 7.44 0.50 2.48
C GLY A 75 8.32 -0.04 1.38
N TYR A 76 8.34 0.58 0.22
CA TYR A 76 9.37 0.23 -0.79
C TYR A 76 10.75 0.74 -0.38
N GLN A 77 10.84 1.62 0.63
CA GLN A 77 12.15 2.17 1.06
C GLN A 77 12.36 1.83 2.52
N PRO A 78 13.05 0.70 2.80
CA PRO A 78 13.20 0.25 4.17
C PRO A 78 13.85 1.31 5.07
N GLY A 79 13.24 1.46 6.23
CA GLY A 79 13.73 2.35 7.28
C GLY A 79 13.35 3.82 7.07
N ARG A 80 12.83 4.23 5.91
CA ARG A 80 12.63 5.67 5.65
C ARG A 80 11.50 6.25 6.47
N PHE A 81 10.41 5.50 6.64
CA PHE A 81 9.17 5.99 7.28
C PHE A 81 8.81 5.03 8.39
N PRO A 82 9.54 5.08 9.52
CA PRO A 82 9.34 4.06 10.54
C PRO A 82 7.96 4.10 11.20
N ILE A 83 7.35 5.27 11.36
CA ILE A 83 6.04 5.32 12.03
C ILE A 83 4.99 4.65 11.16
N VAL A 84 4.86 5.06 9.90
CA VAL A 84 3.77 4.53 9.04
C VAL A 84 3.93 3.03 8.88
N SER A 85 5.15 2.52 9.03
CA SER A 85 5.41 1.08 8.91
C SER A 85 4.63 0.27 9.96
N ALA A 86 4.11 0.87 11.02
CA ALA A 86 3.28 0.09 11.96
C ALA A 86 2.13 -0.61 11.22
N GLY A 87 1.62 0.00 10.16
CA GLY A 87 0.52 -0.59 9.39
C GLY A 87 0.93 -1.75 8.51
N GLN A 88 2.23 -2.00 8.40
CA GLN A 88 2.80 -3.06 7.53
C GLN A 88 2.98 -4.39 8.27
N LEU A 89 2.77 -4.38 9.59
CA LEU A 89 3.00 -5.62 10.38
C LEU A 89 1.96 -6.65 9.99
N PRO A 90 2.31 -7.95 9.98
CA PRO A 90 1.31 -8.97 9.69
C PRO A 90 0.15 -8.92 10.66
N PHE A 91 -1.03 -9.24 10.14
CA PHE A 91 -2.23 -9.52 10.96
C PHE A 91 -2.75 -8.26 11.67
N VAL A 92 -2.54 -7.08 11.13
CA VAL A 92 -3.08 -5.84 11.73
C VAL A 92 -4.53 -5.62 11.28
N PHE A 93 -4.75 -5.55 9.96
CA PHE A 93 -6.02 -5.10 9.38
C PHE A 93 -6.87 -6.26 8.88
N LYS A 94 -8.19 -6.09 9.05
CA LYS A 94 -9.14 -7.08 8.50
C LYS A 94 -9.83 -6.62 7.23
N ASP A 95 -9.86 -5.35 6.92
CA ASP A 95 -10.76 -4.79 5.90
C ASP A 95 -10.11 -3.58 5.24
N GLY A 96 -10.10 -3.52 3.92
CA GLY A 96 -9.46 -2.39 3.23
C GLY A 96 -10.16 -1.07 3.47
N LYS A 97 -11.49 -1.07 3.49
CA LYS A 97 -12.20 0.22 3.55
C LYS A 97 -12.12 0.86 4.94
N LYS A 98 -12.44 0.09 5.97
CA LYS A 98 -12.35 0.59 7.35
C LYS A 98 -10.90 0.74 7.74
N GLY A 99 -10.02 -0.13 7.25
CA GLY A 99 -8.60 -0.02 7.54
C GLY A 99 -8.02 1.25 6.95
N THR A 100 -8.42 1.60 5.73
CA THR A 100 -7.98 2.87 5.13
C THR A 100 -8.38 4.03 6.03
N LEU A 101 -9.62 4.06 6.50
CA LEU A 101 -10.04 5.20 7.33
C LEU A 101 -9.26 5.23 8.65
N ALA A 102 -9.02 4.08 9.27
CA ALA A 102 -8.27 4.03 10.53
C ALA A 102 -6.82 4.48 10.31
N LEU A 103 -6.18 3.95 9.26
CA LEU A 103 -4.78 4.34 8.98
C LEU A 103 -4.69 5.83 8.72
N ASN A 104 -5.62 6.33 7.90
CA ASN A 104 -5.58 7.75 7.52
C ASN A 104 -5.75 8.65 8.76
N GLU A 105 -6.71 8.31 9.62
CA GLU A 105 -6.95 9.14 10.82
C GLU A 105 -5.71 9.11 11.72
N TRP A 106 -5.18 7.92 11.98
CA TRP A 106 -4.00 7.79 12.83
C TRP A 106 -2.80 8.51 12.23
N TYR A 107 -2.55 8.29 10.94
CA TYR A 107 -1.26 8.75 10.40
C TYR A 107 -1.23 10.27 10.22
N HIS A 108 -2.36 10.92 10.03
CA HIS A 108 -2.34 12.38 9.94
C HIS A 108 -1.74 12.99 11.23
N LYS A 109 -1.81 12.32 12.39
CA LYS A 109 -1.16 12.83 13.62
C LYS A 109 0.36 12.89 13.46
N TYR A 110 0.93 11.93 12.74
CA TYR A 110 2.40 11.69 12.72
C TYR A 110 3.06 12.09 11.41
N ALA A 111 2.29 12.26 10.34
CA ALA A 111 2.86 12.68 9.04
C ALA A 111 3.68 13.98 9.17
N PRO A 112 3.33 14.96 10.02
CA PRO A 112 4.22 16.13 10.15
C PRO A 112 5.62 15.88 10.71
N THR A 113 5.85 14.72 11.32
CA THR A 113 7.21 14.33 11.81
C THR A 113 7.98 13.69 10.68
N GLU A 114 7.26 12.92 9.87
CA GLU A 114 7.87 11.91 9.02
C GLU A 114 7.80 12.26 7.51
N MET A 115 6.79 13.00 7.13
CA MET A 115 6.56 13.40 5.72
C MET A 115 6.39 14.91 5.66
N LYS A 116 7.24 15.65 6.37
CA LYS A 116 7.03 17.10 6.47
C LYS A 116 7.43 17.83 5.19
N ASP A 117 8.16 17.19 4.29
CA ASP A 117 8.66 17.80 3.04
C ASP A 117 7.72 17.51 1.86
N THR A 118 6.51 17.01 2.11
CA THR A 118 5.41 16.97 1.14
C THR A 118 4.15 17.33 1.90
N LYS A 119 3.07 17.52 1.17
CA LYS A 119 1.72 17.60 1.77
C LYS A 119 1.07 16.23 1.65
N LEU A 120 0.80 15.60 2.77
CA LEU A 120 0.03 14.35 2.76
C LEU A 120 -1.43 14.66 2.41
N CYS A 121 -1.95 14.04 1.37
CA CYS A 121 -3.37 14.16 1.03
C CYS A 121 -4.16 13.16 1.87
N PHE A 122 -3.92 11.87 1.68
CA PHE A 122 -4.51 10.83 2.54
C PHE A 122 -3.63 9.60 2.48
N ALA A 123 -3.80 8.74 3.47
CA ALA A 123 -3.16 7.44 3.55
C ALA A 123 -4.22 6.35 3.40
N PHE A 124 -3.80 5.18 2.94
CA PHE A 124 -4.76 4.09 2.68
C PHE A 124 -4.02 2.76 2.67
N ILE A 125 -4.80 1.69 2.59
CA ILE A 125 -4.28 0.31 2.49
C ILE A 125 -4.99 -0.38 1.33
N HIS A 126 -4.49 -1.58 0.98
CA HIS A 126 -5.26 -2.49 0.13
C HIS A 126 -6.00 -3.53 0.96
N ASP A 127 -7.02 -4.12 0.36
CA ASP A 127 -7.67 -5.27 1.03
CA ASP A 127 -7.66 -5.34 0.91
C ASP A 127 -6.55 -6.27 1.34
N PRO A 128 -6.56 -6.89 2.54
CA PRO A 128 -5.42 -7.72 2.93
C PRO A 128 -4.96 -8.70 1.88
N GLY A 129 -3.65 -8.77 1.73
CA GLY A 129 -3.05 -9.67 0.75
C GLY A 129 -2.77 -11.04 1.34
N ALA A 130 -2.12 -11.84 0.51
CA ALA A 130 -1.84 -13.24 0.81
C ALA A 130 -0.49 -13.61 0.23
N LEU A 131 0.00 -14.76 0.69
CA LEU A 131 1.16 -15.44 0.10
C LEU A 131 0.72 -16.33 -1.05
N HIS A 132 1.30 -16.06 -2.21
CA HIS A 132 1.07 -16.84 -3.45
C HIS A 132 2.42 -17.39 -3.93
N GLY A 133 2.42 -18.53 -4.59
CA GLY A 133 3.72 -19.01 -5.05
C GLY A 133 3.69 -20.40 -5.61
N LYS A 134 4.90 -20.95 -5.70
CA LYS A 134 5.16 -22.21 -6.40
C LYS A 134 5.21 -23.41 -5.45
N LYS A 135 5.18 -23.18 -4.15
CA LYS A 135 5.24 -24.23 -3.11
C LYS A 135 4.05 -24.07 -2.17
N LYS A 136 3.54 -25.17 -1.64
N LYS A 136 3.44 -25.17 -1.77
CA LYS A 136 2.41 -25.10 -0.67
CA LYS A 136 2.43 -25.08 -0.70
C LYS A 136 2.94 -24.84 0.75
C LYS A 136 3.21 -24.77 0.57
N VAL A 137 3.01 -23.58 1.10
CA VAL A 137 3.62 -23.10 2.35
C VAL A 137 2.55 -23.17 3.45
N LEU A 138 2.79 -23.92 4.51
CA LEU A 138 1.83 -24.04 5.62
C LEU A 138 2.33 -23.33 6.87
N LEU A 139 3.63 -23.39 7.13
CA LEU A 139 4.22 -22.90 8.39
C LEU A 139 5.31 -21.92 8.03
N PRO A 140 5.64 -20.99 8.94
CA PRO A 140 6.74 -20.05 8.68
C PRO A 140 8.00 -20.69 8.14
N SER A 141 8.40 -21.82 8.73
CA SER A 141 9.67 -22.46 8.34
C SER A 141 9.64 -22.98 6.91
N ASP A 142 8.47 -23.09 6.30
CA ASP A 142 8.39 -23.51 4.88
C ASP A 142 8.94 -22.41 3.97
N LEU A 143 9.15 -21.19 4.45
CA LEU A 143 9.83 -20.16 3.64
C LEU A 143 11.34 -20.30 3.68
N SER A 144 11.88 -21.16 4.53
CA SER A 144 13.35 -21.26 4.65
C SER A 144 13.94 -21.68 3.31
N GLY A 145 14.91 -20.93 2.85
CA GLY A 145 15.59 -21.18 1.59
C GLY A 145 14.79 -20.73 0.37
N LEU A 146 13.57 -20.21 0.53
CA LEU A 146 12.79 -19.72 -0.63
C LEU A 146 13.10 -18.27 -0.89
N LYS A 147 12.90 -17.91 -2.15
CA LYS A 147 13.07 -16.52 -2.65
C LYS A 147 11.71 -15.86 -2.74
N VAL A 148 11.49 -14.84 -1.94
CA VAL A 148 10.16 -14.22 -1.80
C VAL A 148 10.24 -12.77 -2.28
N ARG A 149 9.26 -12.36 -3.07
CA ARG A 149 9.11 -10.95 -3.48
C ARG A 149 8.18 -10.29 -2.44
N PRO A 150 8.72 -9.50 -1.50
CA PRO A 150 7.89 -8.91 -0.46
C PRO A 150 7.19 -7.66 -0.95
N ALA A 151 6.05 -7.35 -0.35
CA ALA A 151 5.24 -6.17 -0.68
C ALA A 151 5.82 -4.88 -0.10
N GLN A 152 6.51 -4.98 1.03
CA GLN A 152 7.02 -3.82 1.75
C GLN A 152 8.07 -4.30 2.73
N SER A 153 8.72 -3.34 3.37
CA SER A 153 9.92 -3.60 4.18
C SER A 153 9.63 -4.53 5.34
N THR A 154 8.46 -4.48 5.93
CA THR A 154 8.15 -5.36 7.10
C THR A 154 8.01 -6.81 6.66
N ILE A 155 7.36 -7.02 5.53
CA ILE A 155 7.33 -8.38 4.95
C ILE A 155 8.75 -8.81 4.60
N GLY A 156 9.60 -7.91 4.12
CA GLY A 156 10.98 -8.29 3.87
C GLY A 156 11.66 -8.77 5.13
N GLU A 157 11.41 -8.08 6.25
CA GLU A 157 11.98 -8.52 7.54
C GLU A 157 11.42 -9.90 7.91
N MET A 158 10.13 -10.12 7.65
CA MET A 158 9.50 -11.41 7.98
C MET A 158 10.18 -12.55 7.19
N VAL A 159 10.41 -12.31 5.91
CA VAL A 159 11.04 -13.32 5.04
C VAL A 159 12.40 -13.70 5.61
N LYS A 160 13.21 -12.72 6.00
CA LYS A 160 14.54 -13.00 6.57
C LYS A 160 14.39 -13.72 7.91
N LEU A 161 13.45 -13.34 8.74
CA LEU A 161 13.23 -14.02 10.04
C LEU A 161 12.96 -15.50 9.83
N PHE A 162 12.26 -15.84 8.77
CA PHE A 162 11.84 -17.23 8.51
C PHE A 162 12.87 -17.95 7.63
N GLY A 163 14.03 -17.33 7.33
CA GLY A 163 15.14 -17.99 6.62
C GLY A 163 15.02 -17.95 5.10
N GLY A 164 14.11 -17.15 4.58
CA GLY A 164 14.08 -16.91 3.13
C GLY A 164 14.97 -15.76 2.74
N THR A 165 15.00 -15.46 1.47
CA THR A 165 15.68 -14.26 0.95
C THR A 165 14.69 -13.45 0.14
N ASN A 166 14.93 -12.16 0.10
CA ASN A 166 14.05 -11.22 -0.59
C ASN A 166 14.46 -10.98 -2.03
N VAL A 167 13.46 -10.67 -2.82
CA VAL A 167 13.61 -10.20 -4.20
C VAL A 167 12.94 -8.83 -4.24
N GLN A 168 13.71 -7.76 -4.17
CA GLN A 168 13.14 -6.40 -4.15
C GLN A 168 12.62 -6.08 -5.55
N ALA A 169 11.35 -5.88 -5.69
CA ALA A 169 10.73 -5.53 -6.98
C ALA A 169 9.44 -4.81 -6.68
N SER A 170 9.14 -3.82 -7.47
CA SER A 170 7.84 -3.15 -7.40
C SER A 170 6.75 -4.06 -7.97
N ALA A 171 5.49 -3.69 -7.75
CA ALA A 171 4.37 -4.44 -8.31
C ALA A 171 4.53 -4.67 -9.82
N PRO A 172 4.76 -3.63 -10.65
CA PRO A 172 4.86 -3.88 -12.10
C PRO A 172 6.06 -4.73 -12.55
N GLU A 173 7.06 -4.91 -11.68
CA GLU A 173 8.25 -5.71 -11.97
C GLU A 173 8.12 -7.14 -11.46
N SER A 174 7.05 -7.46 -10.75
CA SER A 174 6.97 -8.72 -10.00
C SER A 174 6.73 -9.94 -10.90
N ARG A 175 5.88 -9.80 -11.90
CA ARG A 175 5.63 -10.96 -12.77
C ARG A 175 6.94 -11.40 -13.42
N ASP A 176 7.74 -10.45 -13.90
CA ASP A 176 8.99 -10.81 -14.58
C ASP A 176 9.94 -11.52 -13.62
N ALA A 177 9.99 -11.11 -12.36
CA ALA A 177 10.87 -11.77 -11.39
C ALA A 177 10.42 -13.24 -11.18
N LEU A 178 9.11 -13.44 -11.08
CA LEU A 178 8.59 -14.82 -10.93
C LEU A 178 8.87 -15.64 -12.20
N GLU A 179 8.64 -15.07 -13.36
CA GLU A 179 8.81 -15.78 -14.65
CA GLU A 179 8.79 -15.81 -14.63
C GLU A 179 10.28 -16.17 -14.84
N ARG A 180 11.19 -15.30 -14.46
CA ARG A 180 12.64 -15.59 -14.59
C ARG A 180 13.13 -16.59 -13.55
N GLY A 181 12.28 -16.89 -12.58
CA GLY A 181 12.60 -17.89 -11.55
C GLY A 181 13.35 -17.35 -10.36
N VAL A 182 13.62 -16.04 -10.34
CA VAL A 182 14.42 -15.49 -9.22
C VAL A 182 13.58 -15.30 -7.98
N ALA A 183 12.25 -15.28 -8.14
CA ALA A 183 11.32 -15.37 -7.01
C ALA A 183 10.50 -16.65 -7.14
N ASP A 184 10.30 -17.32 -6.02
CA ASP A 184 9.46 -18.54 -5.81
C ASP A 184 8.06 -18.14 -5.35
N GLU A 185 7.98 -17.06 -4.61
CA GLU A 185 6.83 -16.71 -3.78
C GLU A 185 6.61 -15.21 -3.87
N ILE A 186 5.38 -14.74 -3.64
CA ILE A 186 5.07 -13.32 -3.64
C ILE A 186 3.95 -13.07 -2.63
N THR A 187 4.09 -12.00 -1.88
CA THR A 187 2.97 -11.44 -1.11
C THR A 187 2.25 -10.42 -2.01
N PHE A 188 0.98 -10.63 -2.30
CA PHE A 188 0.25 -9.72 -3.21
C PHE A 188 -1.22 -9.76 -2.81
N PRO A 189 -1.97 -8.71 -3.16
CA PRO A 189 -3.44 -8.75 -3.06
C PRO A 189 -4.00 -9.57 -4.23
N TRP A 190 -5.21 -10.09 -4.07
CA TRP A 190 -5.70 -11.18 -4.92
C TRP A 190 -6.07 -10.74 -6.32
N GLY A 191 -6.81 -9.63 -6.44
CA GLY A 191 -7.13 -9.10 -7.78
C GLY A 191 -5.90 -8.73 -8.57
N SER A 192 -4.90 -8.17 -7.91
CA SER A 192 -3.64 -7.78 -8.58
C SER A 192 -2.90 -8.98 -9.13
N VAL A 193 -3.09 -10.18 -8.55
CA VAL A 193 -2.49 -11.39 -9.14
C VAL A 193 -2.97 -11.51 -10.60
N PHE A 194 -4.26 -11.30 -10.85
CA PHE A 194 -4.79 -11.32 -12.21
C PHE A 194 -4.36 -10.09 -13.01
N LEU A 195 -4.43 -8.90 -12.41
CA LEU A 195 -4.13 -7.67 -13.17
C LEU A 195 -2.74 -7.75 -13.80
N PHE A 196 -1.77 -8.21 -13.02
CA PHE A 196 -0.36 -8.26 -13.45
C PHE A 196 0.00 -9.57 -14.14
N GLY A 197 -0.96 -10.49 -14.33
CA GLY A 197 -0.71 -11.72 -15.09
C GLY A 197 -0.02 -12.80 -14.27
N ILE A 198 0.08 -12.61 -12.96
CA ILE A 198 0.80 -13.55 -12.08
C ILE A 198 0.01 -14.84 -11.89
N ASP A 199 -1.29 -14.82 -12.16
CA ASP A 199 -2.11 -16.02 -12.08
C ASP A 199 -1.62 -17.10 -13.05
N LYS A 200 -0.92 -16.72 -14.11
CA LYS A 200 -0.39 -17.71 -15.08
C LYS A 200 0.95 -18.27 -14.64
N VAL A 201 1.52 -17.80 -13.55
CA VAL A 201 2.90 -18.12 -13.13
C VAL A 201 2.95 -18.82 -11.77
N VAL A 202 1.97 -18.65 -10.90
CA VAL A 202 1.96 -19.31 -9.57
C VAL A 202 0.61 -19.98 -9.38
N LYS A 203 0.58 -21.09 -8.65
CA LYS A 203 -0.69 -21.84 -8.52
C LYS A 203 -1.09 -22.07 -7.08
N TYR A 204 -0.27 -21.75 -6.08
CA TYR A 204 -0.62 -21.95 -4.66
C TYR A 204 -0.92 -20.62 -4.01
N HIS A 205 -1.91 -20.62 -3.14
CA HIS A 205 -2.41 -19.38 -2.52
C HIS A 205 -2.89 -19.68 -1.11
N MET A 206 -2.26 -19.07 -0.13
CA MET A 206 -2.59 -19.32 1.29
C MET A 206 -3.77 -18.41 1.67
N ASP A 207 -4.90 -18.99 2.05
CA ASP A 207 -6.15 -18.22 2.26
C ASP A 207 -6.16 -17.66 3.68
N VAL A 208 -5.33 -16.65 3.90
CA VAL A 208 -5.18 -15.93 5.18
C VAL A 208 -4.98 -14.46 4.85
N PRO A 209 -5.65 -13.55 5.59
CA PRO A 209 -5.41 -12.10 5.47
C PRO A 209 -4.11 -11.74 6.20
N LEU A 210 -2.99 -12.03 5.55
CA LEU A 210 -1.67 -12.05 6.20
C LEU A 210 -1.17 -10.64 6.54
N TYR A 211 -1.41 -9.67 5.66
CA TYR A 211 -0.76 -8.35 5.80
C TYR A 211 -1.49 -7.40 4.84
N THR A 212 -1.13 -6.13 4.95
CA THR A 212 -1.44 -5.17 3.90
C THR A 212 -0.22 -4.28 3.66
N THR A 213 -0.35 -3.48 2.62
CA THR A 213 0.62 -2.45 2.25
C THR A 213 -0.01 -1.12 2.57
N VAL A 214 0.77 -0.21 3.15
CA VAL A 214 0.31 1.17 3.36
C VAL A 214 0.74 2.03 2.17
N PHE A 215 -0.10 3.01 1.90
CA PHE A 215 0.12 3.94 0.77
C PHE A 215 -0.22 5.35 1.19
N THR A 216 0.40 6.30 0.51
CA THR A 216 0.03 7.70 0.65
C THR A 216 -0.13 8.31 -0.74
N TYR A 217 -0.98 9.33 -0.81
CA TYR A 217 -0.98 10.31 -1.91
C TYR A 217 -0.34 11.58 -1.38
N ASN A 218 0.71 12.00 -2.04
CA ASN A 218 1.54 13.13 -1.60
C ASN A 218 1.53 14.22 -2.65
N ILE A 219 1.43 15.44 -2.19
CA ILE A 219 1.39 16.63 -3.07
C ILE A 219 2.66 17.45 -2.81
N GLY A 220 3.29 17.93 -3.88
CA GLY A 220 4.48 18.75 -3.69
C GLY A 220 4.16 20.07 -3.01
N LEU A 221 5.03 20.48 -2.11
CA LEU A 221 4.82 21.74 -1.37
C LEU A 221 4.94 22.96 -2.30
N LYS A 222 5.87 22.95 -3.23
CA LYS A 222 5.95 24.12 -4.13
C LYS A 222 4.66 24.19 -4.93
N ALA A 223 4.18 23.05 -5.45
CA ALA A 223 2.94 23.03 -6.25
C ALA A 223 1.76 23.55 -5.43
N TYR A 224 1.62 23.05 -4.22
CA TYR A 224 0.51 23.45 -3.35
C TYR A 224 0.61 24.94 -3.00
N ASN A 225 1.82 25.37 -2.66
CA ASN A 225 2.00 26.76 -2.18
C ASN A 225 1.85 27.77 -3.30
N ALA A 226 1.89 27.35 -4.57
CA ALA A 226 1.69 28.26 -5.71
C ALA A 226 0.19 28.49 -5.95
N LEU A 227 -0.67 27.70 -5.33
CA LEU A 227 -2.12 27.83 -5.49
C LEU A 227 -2.61 29.11 -4.80
N SER A 228 -3.71 29.66 -5.31
CA SER A 228 -4.45 30.68 -4.54
C SER A 228 -5.04 30.04 -3.29
N ASP A 229 -5.46 30.84 -2.33
CA ASP A 229 -6.12 30.28 -1.15
C ASP A 229 -7.40 29.53 -1.52
N ALA A 230 -8.14 30.00 -2.52
CA ALA A 230 -9.36 29.31 -2.96
C ALA A 230 -8.99 27.95 -3.53
N GLN A 231 -7.92 27.89 -4.31
CA GLN A 231 -7.45 26.61 -4.89
C GLN A 231 -6.95 25.68 -3.79
N LYS A 232 -6.19 26.19 -2.81
CA LYS A 232 -5.73 25.37 -1.69
C LYS A 232 -6.93 24.76 -0.98
N LYS A 233 -7.99 25.53 -0.77
CA LYS A 233 -9.19 25.03 -0.08
C LYS A 233 -9.81 23.87 -0.87
N ILE A 234 -9.86 23.99 -2.20
CA ILE A 234 -10.41 22.91 -3.04
C ILE A 234 -9.55 21.67 -2.90
N ILE A 235 -8.23 21.82 -2.92
CA ILE A 235 -7.37 20.64 -2.74
C ILE A 235 -7.61 20.05 -1.35
N ASP A 236 -7.60 20.88 -0.32
CA ASP A 236 -7.81 20.38 1.05
C ASP A 236 -9.12 19.62 1.14
N ASP A 237 -10.17 20.15 0.52
CA ASP A 237 -11.49 19.50 0.54
C ASP A 237 -11.49 18.18 -0.21
N HIS A 238 -10.50 17.92 -1.04
CA HIS A 238 -10.35 16.64 -1.75
C HIS A 238 -9.30 15.74 -1.11
N CYS A 239 -8.88 16.06 0.12
N CYS A 239 -8.84 16.12 0.08
CA CYS A 239 -7.87 15.25 0.85
CA CYS A 239 -7.87 15.35 0.89
C CYS A 239 -8.44 14.75 2.19
C CYS A 239 -8.48 15.10 2.26
N THR A 240 -9.74 14.67 2.28
CA THR A 240 -10.49 14.30 3.48
C THR A 240 -10.74 12.80 3.48
N PRO A 241 -11.22 12.27 4.61
CA PRO A 241 -11.59 10.86 4.67
C PRO A 241 -12.59 10.48 3.58
N GLU A 242 -13.56 11.34 3.29
CA GLU A 242 -14.56 11.13 2.20
C GLU A 242 -13.86 10.75 0.91
N TRP A 243 -12.83 11.50 0.58
CA TRP A 243 -12.13 11.28 -0.68
C TRP A 243 -11.15 10.12 -0.60
N ALA A 244 -10.57 9.85 0.57
CA ALA A 244 -9.77 8.61 0.72
C ALA A 244 -10.66 7.43 0.34
N SER A 245 -11.87 7.40 0.87
CA SER A 245 -12.82 6.31 0.56
C SER A 245 -13.21 6.34 -0.92
N LYS A 246 -13.59 7.51 -1.43
CA LYS A 246 -14.03 7.55 -2.83
C LYS A 246 -12.94 7.09 -3.79
N VAL A 247 -11.69 7.44 -3.55
CA VAL A 247 -10.59 7.07 -4.46
C VAL A 247 -10.26 5.59 -4.30
N THR A 248 -10.29 5.05 -3.08
CA THR A 248 -9.69 3.74 -2.81
C THR A 248 -10.69 2.60 -2.65
N ASP A 249 -11.92 2.89 -2.28
CA ASP A 249 -12.91 1.80 -2.09
C ASP A 249 -13.06 0.95 -3.34
N PRO A 250 -13.07 1.49 -4.58
CA PRO A 250 -13.18 0.60 -5.73
C PRO A 250 -12.00 -0.37 -5.81
N TRP A 251 -10.83 0.06 -5.40
CA TRP A 251 -9.65 -0.84 -5.39
C TRP A 251 -9.86 -1.94 -4.36
N THR A 252 -10.35 -1.58 -3.18
CA THR A 252 -10.63 -2.61 -2.17
C THR A 252 -11.58 -3.65 -2.74
N ASP A 253 -12.68 -3.20 -3.34
CA ASP A 253 -13.67 -4.13 -3.92
C ASP A 253 -13.07 -5.03 -4.98
N PHE A 254 -12.21 -4.46 -5.84
CA PHE A 254 -11.56 -5.22 -6.91
C PHE A 254 -10.69 -6.32 -6.32
N GLU A 255 -9.92 -6.00 -5.30
CA GLU A 255 -9.01 -6.99 -4.71
C GLU A 255 -9.79 -8.12 -4.01
N ALA A 256 -10.84 -7.76 -3.29
CA ALA A 256 -11.66 -8.78 -2.59
C ALA A 256 -12.37 -9.66 -3.60
N ASN A 257 -12.84 -9.08 -4.70
CA ASN A 257 -13.44 -9.86 -5.79
C ASN A 257 -12.43 -10.86 -6.35
N GLY A 258 -11.16 -10.45 -6.44
CA GLY A 258 -10.10 -11.31 -6.97
C GLY A 258 -9.97 -12.59 -6.18
N ARG A 259 -10.14 -12.51 -4.87
CA ARG A 259 -10.02 -13.72 -4.04
CA ARG A 259 -10.02 -13.73 -4.05
C ARG A 259 -11.14 -14.72 -4.41
N VAL A 260 -12.37 -14.25 -4.49
CA VAL A 260 -13.52 -15.13 -4.84
C VAL A 260 -13.28 -15.71 -6.24
N LYS A 261 -12.76 -14.92 -7.17
CA LYS A 261 -12.47 -15.41 -8.53
C LYS A 261 -11.40 -16.50 -8.48
N MET A 262 -10.33 -16.27 -7.74
CA MET A 262 -9.23 -17.25 -7.66
C MET A 262 -9.73 -18.58 -7.09
N LYS A 263 -10.59 -18.51 -6.08
CA LYS A 263 -11.08 -19.72 -5.41
C LYS A 263 -12.00 -20.56 -6.31
N ALA A 264 -12.47 -20.03 -7.43
CA ALA A 264 -13.27 -20.78 -8.38
C ALA A 264 -12.44 -21.43 -9.49
N LEU A 265 -11.14 -21.20 -9.56
CA LEU A 265 -10.30 -21.74 -10.65
C LEU A 265 -9.76 -23.12 -10.31
N GLN A 266 -10.07 -24.11 -11.15
CA GLN A 266 -9.68 -25.50 -10.83
C GLN A 266 -8.19 -25.76 -11.00
N ASP A 267 -7.45 -24.88 -11.64
CA ASP A 267 -6.00 -25.06 -11.87
C ASP A 267 -5.18 -24.34 -10.80
N HIS A 268 -5.83 -23.81 -9.77
CA HIS A 268 -5.17 -23.20 -8.61
C HIS A 268 -5.53 -23.95 -7.34
N GLU A 269 -4.63 -23.92 -6.39
CA GLU A 269 -4.89 -24.50 -5.07
C GLU A 269 -4.89 -23.35 -4.06
N VAL A 270 -6.08 -22.93 -3.68
CA VAL A 270 -6.25 -21.93 -2.61
C VAL A 270 -6.55 -22.76 -1.37
N TYR A 271 -5.67 -22.72 -0.40
CA TYR A 271 -5.72 -23.62 0.75
C TYR A 271 -5.82 -22.84 2.04
N PRO A 272 -6.61 -23.35 3.00
CA PRO A 272 -6.68 -22.75 4.31
C PRO A 272 -5.50 -23.20 5.19
N LEU A 273 -5.29 -22.47 6.27
CA LEU A 273 -4.43 -22.97 7.38
C LEU A 273 -5.30 -23.57 8.47
N THR A 274 -4.76 -24.59 9.16
CA THR A 274 -5.25 -25.03 10.47
C THR A 274 -5.03 -23.95 11.52
N ASP A 275 -5.77 -24.00 12.62
CA ASP A 275 -5.60 -23.03 13.76
C ASP A 275 -4.16 -23.11 14.23
N ALA A 276 -3.57 -24.31 14.32
CA ALA A 276 -2.19 -24.53 14.78
C ALA A 276 -1.21 -23.84 13.83
N GLN A 277 -1.40 -24.03 12.54
CA GLN A 277 -0.52 -23.38 11.54
C GLN A 277 -0.66 -21.86 11.63
N LEU A 278 -1.89 -21.36 11.68
CA LEU A 278 -2.08 -19.89 11.75
C LEU A 278 -1.44 -19.34 13.02
N ALA A 279 -1.56 -20.04 14.13
CA ALA A 279 -0.95 -19.54 15.40
C ALA A 279 0.57 -19.48 15.29
N GLU A 280 1.20 -20.40 14.59
CA GLU A 280 2.66 -20.35 14.35
C GLU A 280 2.93 -19.06 13.60
N TRP A 281 2.09 -18.75 12.60
CA TRP A 281 2.29 -17.50 11.87
C TRP A 281 2.09 -16.30 12.81
N LYS A 282 1.02 -16.25 13.58
CA LYS A 282 0.79 -15.07 14.47
C LYS A 282 1.90 -14.95 15.50
N LYS A 283 2.23 -16.10 16.08
CA LYS A 283 3.24 -16.18 17.15
C LYS A 283 4.58 -15.83 16.52
N ALA A 284 4.87 -16.38 15.33
CA ALA A 284 6.20 -16.27 14.67
C ALA A 284 6.41 -14.84 14.16
N THR A 285 5.34 -14.11 13.87
CA THR A 285 5.43 -12.74 13.30
C THR A 285 5.57 -11.73 14.44
N LYS A 286 5.33 -12.10 15.68
CA LYS A 286 5.37 -11.11 16.81
C LYS A 286 6.69 -10.38 16.90
N PRO A 287 7.89 -10.97 16.71
CA PRO A 287 9.17 -10.21 16.81
C PRO A 287 9.31 -9.00 15.87
N LEU A 288 8.47 -8.96 14.87
CA LEU A 288 8.50 -7.82 13.95
C LEU A 288 8.08 -6.55 14.66
N ARG A 289 7.23 -6.66 15.68
CA ARG A 289 6.81 -5.46 16.41
C ARG A 289 8.01 -4.83 17.16
N ASP A 290 8.88 -5.64 17.77
CA ASP A 290 10.03 -5.04 18.48
C ASP A 290 10.99 -4.40 17.49
N SER A 291 11.16 -5.01 16.32
CA SER A 291 12.01 -4.40 15.29
C SER A 291 11.43 -3.04 14.87
N TRP A 292 10.12 -3.02 14.63
CA TRP A 292 9.42 -1.77 14.30
C TRP A 292 9.65 -0.71 15.38
N ALA A 293 9.45 -1.12 16.63
CA ALA A 293 9.52 -0.17 17.76
C ALA A 293 10.93 0.40 17.88
N GLU A 294 11.96 -0.44 17.71
CA GLU A 294 13.35 0.03 17.79
C GLU A 294 13.60 1.06 16.70
N GLN A 295 13.09 0.85 15.49
CA GLN A 295 13.31 1.82 14.39
C GLN A 295 12.61 3.14 14.72
N VAL A 296 11.41 3.08 15.31
CA VAL A 296 10.74 4.33 15.73
C VAL A 296 11.56 5.05 16.80
N LYS A 297 12.02 4.31 17.79
CA LYS A 297 12.80 4.95 18.86
C LYS A 297 14.08 5.59 18.31
N LYS A 298 14.78 4.88 17.43
N LYS A 298 14.77 4.91 17.40
CA LYS A 298 16.04 5.40 16.84
C LYS A 298 15.79 6.72 16.12
C LYS A 298 15.83 6.67 16.01
N SER A 299 14.62 6.87 15.49
CA SER A 299 14.25 8.07 14.70
C SER A 299 13.67 9.17 15.60
N GLY A 300 13.58 8.92 16.91
CA GLY A 300 13.17 9.95 17.88
C GLY A 300 11.72 9.87 18.31
N GLY A 301 10.99 8.80 17.98
CA GLY A 301 9.59 8.64 18.38
C GLY A 301 9.40 7.78 19.62
N ASP A 302 8.15 7.72 20.08
CA ASP A 302 7.71 6.89 21.23
C ASP A 302 6.83 5.79 20.67
N PRO A 303 7.39 4.60 20.43
CA PRO A 303 6.60 3.56 19.78
C PRO A 303 5.38 3.10 20.60
N ALA A 304 5.44 3.12 21.92
CA ALA A 304 4.29 2.69 22.74
C ALA A 304 3.09 3.61 22.46
N ALA A 305 3.34 4.92 22.42
CA ALA A 305 2.28 5.93 22.19
C ALA A 305 1.77 5.81 20.75
N VAL A 306 2.70 5.66 19.81
CA VAL A 306 2.29 5.55 18.38
C VAL A 306 1.41 4.32 18.20
N GLU A 307 1.82 3.19 18.79
CA GLU A 307 1.07 1.92 18.69
C GLU A 307 -0.30 2.03 19.38
N SER A 308 -0.38 2.63 20.56
CA SER A 308 -1.66 2.81 21.28
CA SER A 308 -1.67 2.80 21.27
CA SER A 308 -1.68 2.75 21.25
C SER A 308 -2.62 3.63 20.39
N ASP A 309 -2.10 4.68 19.76
CA ASP A 309 -2.94 5.53 18.90
C ASP A 309 -3.48 4.69 17.73
N LEU A 310 -2.65 3.84 17.14
CA LEU A 310 -3.14 3.01 16.02
C LEU A 310 -4.19 2.01 16.54
N GLN A 311 -3.93 1.38 17.66
CA GLN A 311 -4.91 0.41 18.21
C GLN A 311 -6.26 1.11 18.48
N ASN A 312 -6.24 2.33 19.00
CA ASN A 312 -7.49 3.07 19.26
C ASN A 312 -8.22 3.31 17.93
N ALA A 313 -7.50 3.67 16.88
CA ALA A 313 -8.11 3.92 15.57
C ALA A 313 -8.71 2.62 15.02
N LEU A 314 -8.01 1.51 15.14
CA LEU A 314 -8.53 0.20 14.67
C LEU A 314 -9.83 -0.10 15.39
N LYS A 315 -9.86 0.12 16.70
CA LYS A 315 -11.09 -0.17 17.47
C LYS A 315 -12.22 0.75 17.07
N LYS A 316 -11.93 2.03 16.88
CA LYS A 316 -12.95 3.01 16.50
C LYS A 316 -13.65 2.55 15.21
N TYR A 317 -12.87 2.12 14.22
CA TYR A 317 -13.41 1.80 12.87
C TYR A 317 -13.73 0.32 12.71
N ASP A 318 -13.54 -0.49 13.75
CA ASP A 318 -13.71 -1.95 13.65
C ASP A 318 -12.89 -2.49 12.47
N ALA A 319 -11.64 -2.08 12.42
CA ALA A 319 -10.75 -2.35 11.27
C ALA A 319 -9.68 -3.40 11.57
N GLY A 320 -9.55 -3.79 12.82
CA GLY A 320 -8.48 -4.68 13.26
C GLY A 320 -8.84 -6.14 13.14
N LEU A 321 -7.87 -6.95 12.78
CA LEU A 321 -8.06 -8.41 12.74
C LEU A 321 -7.99 -8.94 14.18
C8 4HP B . 3.25 -4.47 -3.68
O1 4HP B . 2.99 -5.60 -3.18
O2 4HP B . 4.25 -4.26 -4.39
C7 4HP B . 2.23 -3.35 -3.48
C1 4HP B . 1.10 -3.36 -4.51
C2 4HP B . 0.59 -4.56 -4.96
C3 4HP B . -0.42 -4.58 -5.91
C4 4HP B . -0.91 -3.41 -6.42
C5 4HP B . -0.41 -2.22 -5.99
C6 4HP B . 0.61 -2.18 -5.06
O4 4HP B . -1.94 -3.39 -7.35
C1 EDO C . -15.11 18.20 -2.21
O1 EDO C . -15.53 17.40 -1.14
C2 EDO C . -15.64 19.63 -2.16
O2 EDO C . -15.24 20.47 -3.25
C1 EDO D . 9.69 -4.48 -2.36
O1 EDO D . 9.97 -5.73 -2.87
C2 EDO D . 9.68 -4.30 -0.88
O2 EDO D . 10.94 -4.43 -0.22
P PO4 E . 3.72 -28.76 -8.49
O1 PO4 E . 3.55 -28.53 -7.00
O2 PO4 E . 2.47 -29.46 -9.02
O3 PO4 E . 4.92 -29.64 -8.77
O4 PO4 E . 3.83 -27.45 -9.23
#